data_2A2D
#
_entry.id   2A2D
#
_cell.length_a   119.100
_cell.length_b   119.100
_cell.length_c   65.900
_cell.angle_alpha   90.00
_cell.angle_beta   90.00
_cell.angle_gamma   120.00
#
_symmetry.space_group_name_H-M   'P 65'
#
loop_
_entity.id
_entity.type
_entity.pdbx_description
1 polymer 'N-acetylgalactosamine kinase'
2 non-polymer 2-acetamido-2-deoxy-alpha-D-galactopyranose
3 non-polymer 'MANGANESE (II) ION'
4 non-polymer 'PHOSPHOAMINOPHOSPHONIC ACID-ADENYLATE ESTER'
5 water water
#
_entity_poly.entity_id   1
_entity_poly.type   'polypeptide(L)'
_entity_poly.pdbx_seq_one_letter_code
;MGSSHHHHHHSSENLYFQGHMATESPATRRVQVAEHPRLLKLKEMFNSKFGSIPKFYVRAPGRVNIIGEHIDYCGYSVLP
MAVEQDVLIAVEPVKTYALQLANTNPLYPDFSTSANNIQIDKTKPLWHNYFLCGLKGIQEHFGLSNLTGMNCLVDGNIPP
SSGLSSSSALVCCAGLVTLTVLGRNLSKVELAEICAKSERYIGTEGGGMDQSISFLAEEGTAKLIEFSPLRATDVKLPSG
AVFVIANSCVEMNKAATSHFNIRVMECRLAAKLLAKYKSLQWDKVLRLEEVQAKLGISLEEMLLVTEDALHPEPYNPEEI
CRCLGISLEELRTQILSPNTQDVLIFKLYQRAKHVYSEAARVLQFKKICEEAPENMVQLLGELMNQSHMSCRDMYECSCP
ELDQLVDICRKFGAQGSRLTGAGWGGCTVSMVPADKLPSFLANVHKAYYQRSDGSLAPEKQSLFATKPGGGALVLLEA
;
_entity_poly.pdbx_strand_id   A
#
loop_
_chem_comp.id
_chem_comp.type
_chem_comp.name
_chem_comp.formula
A2G D-saccharide, alpha linking 2-acetamido-2-deoxy-alpha-D-galactopyranose 'C8 H15 N O6'
ANP non-polymer 'PHOSPHOAMINOPHOSPHONIC ACID-ADENYLATE ESTER' 'C10 H17 N6 O12 P3'
MN non-polymer 'MANGANESE (II) ION' 'Mn 2'
#
# COMPACT_ATOMS: atom_id res chain seq x y z
N ALA A 22 -13.33 -8.63 15.29
CA ALA A 22 -12.65 -7.36 15.17
C ALA A 22 -13.58 -6.15 15.10
N THR A 23 -13.95 -5.79 16.29
CA THR A 23 -14.77 -4.63 16.49
C THR A 23 -13.91 -3.56 17.19
N GLU A 24 -12.67 -3.92 17.66
CA GLU A 24 -11.83 -2.89 18.27
C GLU A 24 -11.58 -1.69 17.35
N SER A 25 -11.66 -0.51 17.93
CA SER A 25 -11.42 0.73 17.21
C SER A 25 -9.99 1.18 17.47
N PRO A 26 -9.57 2.21 16.75
CA PRO A 26 -8.23 2.72 16.95
C PRO A 26 -8.06 3.26 18.39
N ALA A 27 -6.89 3.07 18.96
CA ALA A 27 -6.68 3.50 20.33
C ALA A 27 -6.65 4.99 20.50
N THR A 28 -6.75 5.38 21.78
CA THR A 28 -6.66 6.79 22.12
C THR A 28 -5.60 7.11 23.19
N ARG A 29 -4.38 7.52 22.80
CA ARG A 29 -3.33 7.81 23.75
C ARG A 29 -3.55 9.18 24.35
N ARG A 30 -3.47 9.27 25.65
CA ARG A 30 -3.63 10.56 26.31
C ARG A 30 -2.21 11.01 26.56
N VAL A 31 -1.88 12.26 26.19
CA VAL A 31 -0.49 12.74 26.31
C VAL A 31 -0.33 14.12 26.88
N GLN A 32 0.89 14.24 27.36
CA GLN A 32 1.40 15.48 27.88
C GLN A 32 2.37 15.88 26.80
N VAL A 33 1.84 16.77 25.94
CA VAL A 33 2.49 17.27 24.73
C VAL A 33 3.99 17.44 24.82
N ALA A 34 4.42 18.19 25.82
CA ALA A 34 5.82 18.48 26.10
C ALA A 34 6.75 17.26 26.19
N GLU A 35 6.20 16.13 26.55
CA GLU A 35 7.07 14.99 26.64
C GLU A 35 7.33 14.43 25.24
N HIS A 36 6.67 15.02 24.22
CA HIS A 36 6.82 14.52 22.85
C HIS A 36 7.20 15.63 21.88
N PRO A 37 8.48 15.78 21.82
CA PRO A 37 9.06 16.77 21.00
C PRO A 37 8.39 16.97 19.67
N ARG A 38 8.12 15.91 18.91
CA ARG A 38 7.52 16.08 17.60
C ARG A 38 6.20 16.83 17.70
N LEU A 39 5.45 16.39 18.69
CA LEU A 39 4.14 16.89 19.02
C LEU A 39 4.16 18.34 19.44
N LEU A 40 4.93 18.61 20.48
CA LEU A 40 5.02 19.98 20.95
C LEU A 40 5.43 20.91 19.79
N LYS A 41 6.27 20.41 18.88
CA LYS A 41 6.71 21.26 17.80
C LYS A 41 5.53 21.60 16.94
N LEU A 42 4.86 20.52 16.58
CA LEU A 42 3.65 20.53 15.80
C LEU A 42 2.65 21.47 16.46
N LYS A 43 2.48 21.33 17.79
CA LYS A 43 1.59 22.20 18.52
C LYS A 43 2.00 23.64 18.34
N GLU A 44 3.29 23.86 18.47
CA GLU A 44 3.72 25.22 18.33
C GLU A 44 3.43 25.86 16.97
N MET A 45 3.66 25.12 15.89
CA MET A 45 3.43 25.64 14.56
C MET A 45 1.97 25.74 14.19
N PHE A 46 1.14 24.96 14.86
CA PHE A 46 -0.27 25.01 14.60
C PHE A 46 -0.73 26.35 15.07
N ASN A 47 -0.33 26.62 16.30
CA ASN A 47 -0.69 27.88 16.92
C ASN A 47 -0.23 29.03 16.04
N SER A 48 1.03 29.01 15.67
CA SER A 48 1.47 30.07 14.82
C SER A 48 0.56 30.21 13.59
N LYS A 49 0.31 29.08 12.92
CA LYS A 49 -0.52 29.04 11.73
C LYS A 49 -1.99 29.36 11.94
N PHE A 50 -2.54 28.95 13.06
CA PHE A 50 -3.97 29.20 13.20
C PHE A 50 -4.43 30.09 14.33
N GLY A 51 -3.50 30.55 15.17
CA GLY A 51 -3.84 31.40 16.27
C GLY A 51 -4.51 30.62 17.39
N SER A 52 -4.55 29.30 17.26
CA SER A 52 -5.11 28.49 18.30
C SER A 52 -4.31 27.24 18.48
N ILE A 53 -4.71 26.48 19.47
CA ILE A 53 -4.10 25.23 19.71
C ILE A 53 -4.99 24.09 19.30
N PRO A 54 -4.30 23.02 18.93
CA PRO A 54 -4.95 21.83 18.47
C PRO A 54 -5.85 21.24 19.50
N LYS A 55 -6.96 20.71 19.05
CA LYS A 55 -7.76 20.06 20.03
C LYS A 55 -7.20 18.65 20.26
N PHE A 56 -6.82 18.02 19.16
CA PHE A 56 -6.30 16.65 19.23
C PHE A 56 -5.37 16.32 18.07
N TYR A 57 -4.72 15.17 18.18
CA TYR A 57 -3.84 14.77 17.11
C TYR A 57 -4.20 13.40 16.62
N VAL A 58 -3.53 12.99 15.54
CA VAL A 58 -3.73 11.68 14.95
C VAL A 58 -2.47 11.24 14.16
N ARG A 59 -2.14 9.95 14.24
CA ARG A 59 -1.02 9.33 13.51
C ARG A 59 -1.47 8.00 12.82
N ALA A 60 -0.84 7.69 11.70
CA ALA A 60 -1.07 6.51 10.84
C ALA A 60 0.24 6.25 10.16
N PRO A 61 0.77 5.09 10.49
CA PRO A 61 2.07 4.73 9.99
C PRO A 61 2.01 4.30 8.52
N GLY A 62 3.19 4.29 7.95
CA GLY A 62 3.35 3.79 6.60
C GLY A 62 3.61 2.29 6.78
N ARG A 63 4.20 1.61 5.80
CA ARG A 63 4.44 0.19 5.99
C ARG A 63 5.45 -0.36 5.02
N VAL A 64 5.90 -1.55 5.35
CA VAL A 64 6.83 -2.28 4.52
C VAL A 64 6.14 -3.58 4.17
N ASN A 65 6.08 -3.89 2.87
CA ASN A 65 5.45 -5.14 2.46
C ASN A 65 6.56 -6.15 2.48
N ILE A 66 6.43 -7.19 3.29
CA ILE A 66 7.57 -8.07 3.35
C ILE A 66 7.67 -8.92 2.11
N ILE A 67 6.49 -9.29 1.64
CA ILE A 67 6.37 -10.14 0.49
C ILE A 67 4.90 -10.26 0.11
N GLY A 68 4.65 -10.46 -1.18
CA GLY A 68 3.29 -10.55 -1.68
C GLY A 68 2.93 -9.21 -2.33
N GLU A 69 3.70 -8.86 -3.37
CA GLU A 69 3.54 -7.63 -4.11
C GLU A 69 2.59 -7.77 -5.25
N HIS A 70 1.74 -6.78 -5.41
CA HIS A 70 0.81 -6.73 -6.51
C HIS A 70 -0.26 -7.82 -6.55
N ILE A 71 -0.66 -8.30 -5.39
CA ILE A 71 -1.66 -9.35 -5.33
C ILE A 71 -2.85 -9.02 -4.47
N ASP A 72 -2.74 -7.89 -3.78
CA ASP A 72 -3.81 -7.46 -2.90
C ASP A 72 -5.00 -7.13 -3.74
N TYR A 73 -4.72 -6.43 -4.82
CA TYR A 73 -5.86 -6.14 -5.65
C TYR A 73 -6.30 -7.38 -6.38
N CYS A 74 -5.57 -8.49 -6.28
CA CYS A 74 -6.11 -9.65 -6.97
C CYS A 74 -6.89 -10.53 -5.98
N GLY A 75 -7.12 -9.98 -4.79
CA GLY A 75 -7.84 -10.74 -3.77
C GLY A 75 -6.93 -11.63 -2.91
N TYR A 76 -5.60 -11.61 -3.16
CA TYR A 76 -4.67 -12.45 -2.38
C TYR A 76 -4.04 -11.78 -1.14
N SER A 77 -3.76 -12.63 -0.15
CA SER A 77 -3.21 -12.20 1.14
C SER A 77 -1.75 -11.80 1.05
N VAL A 78 -1.40 -10.78 1.84
CA VAL A 78 -0.06 -10.15 1.92
C VAL A 78 0.56 -10.14 3.33
N LEU A 79 1.85 -9.84 3.41
CA LEU A 79 2.52 -9.82 4.70
C LEU A 79 3.39 -8.61 4.84
N PRO A 80 2.80 -7.54 5.29
CA PRO A 80 3.57 -6.34 5.49
C PRO A 80 3.62 -6.11 6.96
N MET A 81 4.33 -5.05 7.26
CA MET A 81 4.39 -4.58 8.61
C MET A 81 4.52 -3.07 8.57
N ALA A 82 3.92 -2.45 9.55
CA ALA A 82 3.99 -1.04 9.69
C ALA A 82 5.38 -0.59 10.10
N VAL A 83 5.75 0.56 9.58
CA VAL A 83 7.00 1.20 9.91
C VAL A 83 6.65 2.23 10.96
N GLU A 84 7.67 2.82 11.51
CA GLU A 84 7.47 3.81 12.52
C GLU A 84 7.23 5.15 11.92
N GLN A 85 7.82 5.38 10.74
CA GLN A 85 7.49 6.60 10.07
C GLN A 85 6.00 6.65 9.82
N ASP A 86 5.46 7.89 9.84
CA ASP A 86 4.04 8.11 9.70
C ASP A 86 3.67 9.51 9.28
N VAL A 87 2.35 9.74 9.37
CA VAL A 87 1.71 11.01 9.12
C VAL A 87 1.00 11.41 10.39
N LEU A 88 1.34 12.58 10.89
CA LEU A 88 0.80 13.09 12.12
C LEU A 88 0.04 14.34 11.81
N ILE A 89 -1.22 14.42 12.22
CA ILE A 89 -2.01 15.59 11.95
C ILE A 89 -2.55 16.23 13.24
N ALA A 90 -2.25 17.52 13.43
CA ALA A 90 -2.76 18.28 14.54
C ALA A 90 -4.09 18.81 14.01
N VAL A 91 -5.15 18.62 14.81
CA VAL A 91 -6.46 19.01 14.41
C VAL A 91 -7.17 19.97 15.32
N GLU A 92 -8.00 20.84 14.75
CA GLU A 92 -8.81 21.75 15.54
C GLU A 92 -10.17 21.82 14.85
N PRO A 93 -11.30 21.39 15.44
CA PRO A 93 -12.58 21.43 14.74
C PRO A 93 -13.11 22.84 14.73
N VAL A 94 -13.81 23.26 13.66
CA VAL A 94 -14.34 24.62 13.54
C VAL A 94 -15.82 24.54 13.22
N LYS A 95 -16.55 25.56 13.65
CA LYS A 95 -18.01 25.65 13.47
C LYS A 95 -18.46 25.91 12.06
N THR A 96 -17.53 26.42 11.26
CA THR A 96 -17.73 26.74 9.86
C THR A 96 -17.72 25.48 8.97
N TYR A 97 -17.99 25.75 7.69
CA TYR A 97 -17.95 24.70 6.66
C TYR A 97 -16.60 24.75 5.95
N ALA A 98 -15.61 25.30 6.70
CA ALA A 98 -14.23 25.60 6.31
C ALA A 98 -13.13 24.68 6.79
N LEU A 99 -12.56 24.07 5.74
CA LEU A 99 -11.43 23.18 5.83
C LEU A 99 -10.15 23.88 5.42
N GLN A 100 -9.29 24.02 6.39
CA GLN A 100 -7.99 24.57 6.15
C GLN A 100 -6.90 23.58 6.51
N LEU A 101 -6.14 23.21 5.48
CA LEU A 101 -5.00 22.32 5.55
C LEU A 101 -3.68 23.07 5.34
N ALA A 102 -2.72 22.71 6.17
CA ALA A 102 -1.35 23.18 6.15
C ALA A 102 -0.42 21.97 6.38
N ASN A 103 0.82 22.10 5.96
CA ASN A 103 1.75 21.03 6.08
C ASN A 103 3.01 21.63 6.61
N THR A 104 3.70 20.95 7.55
CA THR A 104 4.94 21.48 8.08
C THR A 104 5.98 21.55 7.00
N ASN A 105 5.76 20.78 5.92
CA ASN A 105 6.71 20.83 4.81
C ASN A 105 6.41 21.89 3.75
N PRO A 106 7.31 22.84 3.58
CA PRO A 106 7.15 23.89 2.57
C PRO A 106 6.82 23.36 1.17
N LEU A 107 7.27 22.18 0.83
CA LEU A 107 6.92 21.67 -0.47
C LEU A 107 5.46 21.46 -0.64
N TYR A 108 4.74 21.42 0.48
CA TYR A 108 3.32 21.18 0.40
C TYR A 108 2.50 22.41 0.79
N PRO A 109 2.11 23.18 -0.22
CA PRO A 109 1.35 24.41 -0.06
C PRO A 109 0.05 24.24 0.75
N ASP A 110 -0.35 25.33 1.43
CA ASP A 110 -1.56 25.33 2.20
C ASP A 110 -2.69 25.10 1.23
N PHE A 111 -3.80 24.59 1.73
CA PHE A 111 -4.99 24.35 0.93
C PHE A 111 -6.28 24.52 1.78
N SER A 112 -7.28 25.18 1.21
CA SER A 112 -8.55 25.45 1.87
C SER A 112 -9.72 25.24 0.92
N THR A 113 -10.84 24.94 1.49
CA THR A 113 -12.09 24.72 0.79
C THR A 113 -13.20 24.69 1.80
N SER A 114 -14.37 25.08 1.32
CA SER A 114 -15.61 25.10 2.09
C SER A 114 -16.80 24.44 1.34
N ALA A 115 -16.49 23.65 0.34
CA ALA A 115 -17.47 23.02 -0.51
C ALA A 115 -18.02 21.71 -0.05
N ASN A 116 -19.33 21.59 -0.02
CA ASN A 116 -19.86 20.29 0.32
C ASN A 116 -19.43 19.29 -0.75
N ASN A 117 -19.41 19.78 -2.00
CA ASN A 117 -19.02 19.03 -3.20
C ASN A 117 -17.53 18.77 -3.25
N ILE A 118 -17.17 17.51 -2.99
CA ILE A 118 -15.79 17.17 -2.99
C ILE A 118 -15.13 16.83 -4.29
N GLN A 119 -14.29 17.78 -4.63
CA GLN A 119 -13.55 17.78 -5.85
C GLN A 119 -12.10 17.43 -5.76
N ILE A 120 -11.94 16.19 -6.18
CA ILE A 120 -10.68 15.50 -6.28
C ILE A 120 -10.23 15.44 -7.76
N ASP A 121 -9.04 15.99 -7.97
CA ASP A 121 -8.39 16.08 -9.26
C ASP A 121 -7.29 15.05 -9.39
N LYS A 122 -7.51 14.19 -10.36
CA LYS A 122 -6.56 13.13 -10.65
C LYS A 122 -5.51 13.64 -11.61
N THR A 123 -5.68 14.88 -12.06
CA THR A 123 -4.82 15.54 -13.05
C THR A 123 -3.50 15.99 -12.49
N LYS A 124 -3.52 16.27 -11.21
CA LYS A 124 -2.36 16.74 -10.51
C LYS A 124 -2.60 16.45 -9.04
N PRO A 125 -2.45 15.20 -8.68
CA PRO A 125 -2.62 14.81 -7.32
C PRO A 125 -1.69 15.60 -6.45
N LEU A 126 -2.30 16.66 -6.01
CA LEU A 126 -1.73 17.58 -5.10
C LEU A 126 -1.97 16.87 -3.80
N TRP A 127 -0.98 16.95 -2.96
CA TRP A 127 -0.98 16.28 -1.69
C TRP A 127 -2.30 16.33 -0.94
N HIS A 128 -2.94 17.52 -0.97
CA HIS A 128 -4.14 17.73 -0.20
C HIS A 128 -5.26 16.83 -0.63
N ASN A 129 -5.21 16.40 -1.88
CA ASN A 129 -6.26 15.53 -2.38
C ASN A 129 -6.33 14.20 -1.65
N TYR A 130 -5.19 13.76 -1.13
CA TYR A 130 -5.16 12.50 -0.39
C TYR A 130 -5.84 12.73 0.94
N PHE A 131 -5.65 13.92 1.46
CA PHE A 131 -6.37 14.16 2.69
C PHE A 131 -7.90 14.10 2.43
N LEU A 132 -8.38 14.72 1.33
CA LEU A 132 -9.79 14.74 0.94
C LEU A 132 -10.36 13.40 0.67
N CYS A 133 -9.54 12.51 0.15
CA CYS A 133 -10.04 11.18 -0.10
C CYS A 133 -10.49 10.56 1.23
N GLY A 134 -9.63 10.69 2.21
CA GLY A 134 -9.86 10.11 3.53
C GLY A 134 -11.07 10.73 4.21
N LEU A 135 -11.20 12.03 4.11
CA LEU A 135 -12.31 12.76 4.70
C LEU A 135 -13.57 12.46 3.99
N LYS A 136 -13.43 12.54 2.70
CA LYS A 136 -14.60 12.26 1.89
C LYS A 136 -15.16 10.87 2.15
N GLY A 137 -14.31 9.86 2.33
CA GLY A 137 -14.81 8.49 2.52
C GLY A 137 -15.64 8.34 3.80
N ILE A 138 -15.18 9.03 4.81
CA ILE A 138 -15.86 8.98 6.07
C ILE A 138 -17.21 9.67 6.00
N GLN A 139 -17.21 10.86 5.43
CA GLN A 139 -18.46 11.58 5.31
C GLN A 139 -19.53 10.78 4.62
N GLU A 140 -19.12 10.15 3.52
CA GLU A 140 -20.03 9.33 2.71
C GLU A 140 -20.50 8.10 3.39
N HIS A 141 -19.58 7.46 4.17
CA HIS A 141 -19.84 6.26 4.97
C HIS A 141 -21.08 6.46 5.86
N PHE A 142 -21.16 7.66 6.44
CA PHE A 142 -22.25 8.11 7.28
C PHE A 142 -23.29 8.97 6.54
N GLY A 143 -23.27 9.01 5.20
CA GLY A 143 -24.23 9.78 4.38
C GLY A 143 -24.21 11.31 4.52
N LEU A 144 -23.10 11.83 4.92
CA LEU A 144 -23.01 13.25 5.11
C LEU A 144 -22.60 14.04 3.89
N SER A 145 -23.23 15.19 3.75
CA SER A 145 -22.96 16.06 2.64
C SER A 145 -22.19 17.30 3.07
N ASN A 146 -22.46 17.78 4.27
CA ASN A 146 -21.78 18.97 4.69
C ASN A 146 -20.31 18.79 4.94
N LEU A 147 -19.53 19.75 4.43
CA LEU A 147 -18.13 19.65 4.72
C LEU A 147 -17.90 19.74 6.23
N THR A 148 -17.00 18.88 6.72
CA THR A 148 -16.60 18.85 8.12
C THR A 148 -15.52 19.89 8.39
N GLY A 149 -15.93 21.06 8.88
CA GLY A 149 -14.98 22.11 9.17
C GLY A 149 -13.94 21.81 10.24
N MET A 150 -12.68 22.19 9.96
CA MET A 150 -11.53 22.05 10.84
C MET A 150 -10.27 22.68 10.21
N ASN A 151 -9.27 22.87 11.03
CA ASN A 151 -7.92 23.34 10.70
C ASN A 151 -7.02 22.20 11.03
N CYS A 152 -6.14 21.88 10.09
CA CYS A 152 -5.25 20.77 10.28
C CYS A 152 -3.83 21.10 9.85
N LEU A 153 -2.85 20.72 10.64
CA LEU A 153 -1.44 20.87 10.25
C LEU A 153 -0.86 19.46 10.10
N VAL A 154 -0.49 19.13 8.86
CA VAL A 154 0.05 17.85 8.49
C VAL A 154 1.58 17.74 8.68
N ASP A 155 2.01 16.59 9.18
CA ASP A 155 3.39 16.30 9.44
C ASP A 155 3.71 14.82 9.25
N GLY A 156 4.28 14.52 8.10
CA GLY A 156 4.71 13.17 7.76
C GLY A 156 6.24 13.00 7.69
N ASN A 157 6.68 11.86 8.17
CA ASN A 157 8.08 11.57 8.16
C ASN A 157 8.43 10.35 7.24
N ILE A 158 7.45 9.89 6.48
CA ILE A 158 7.66 8.80 5.56
C ILE A 158 8.19 9.36 4.25
N PRO A 159 9.29 8.82 3.73
CA PRO A 159 9.79 9.28 2.43
C PRO A 159 8.69 9.12 1.39
N PRO A 160 8.38 10.24 0.73
CA PRO A 160 7.33 10.35 -0.25
C PRO A 160 7.59 9.62 -1.57
N SER A 161 6.52 8.98 -2.09
CA SER A 161 6.55 8.24 -3.33
C SER A 161 7.75 7.34 -3.37
N SER A 162 7.89 6.62 -2.29
CA SER A 162 9.00 5.75 -2.24
C SER A 162 8.68 4.28 -1.90
N GLY A 163 7.42 3.85 -2.06
CA GLY A 163 7.10 2.45 -1.82
C GLY A 163 6.67 2.17 -0.41
N LEU A 164 6.59 3.23 0.41
CA LEU A 164 6.23 3.01 1.80
C LEU A 164 4.82 3.40 2.22
N SER A 165 3.99 3.78 1.27
CA SER A 165 2.59 4.08 1.52
C SER A 165 2.32 5.36 2.28
N SER A 166 3.11 6.34 2.00
CA SER A 166 2.94 7.62 2.57
C SER A 166 1.57 8.13 2.10
N SER A 167 1.17 7.72 0.89
CA SER A 167 -0.12 8.14 0.40
C SER A 167 -1.21 7.55 1.27
N SER A 168 -1.05 6.28 1.63
CA SER A 168 -2.09 5.63 2.43
C SER A 168 -2.11 6.09 3.87
N ALA A 169 -0.96 6.54 4.33
CA ALA A 169 -0.82 7.01 5.68
C ALA A 169 -1.59 8.30 5.78
N LEU A 170 -1.41 9.13 4.76
CA LEU A 170 -2.13 10.40 4.74
C LEU A 170 -3.63 10.17 4.63
N VAL A 171 -3.94 9.17 3.81
CA VAL A 171 -5.32 8.84 3.62
C VAL A 171 -6.01 8.38 4.87
N CYS A 172 -5.42 7.35 5.47
CA CYS A 172 -5.97 6.85 6.69
C CYS A 172 -5.94 7.92 7.77
N CYS A 173 -4.81 8.62 7.88
CA CYS A 173 -4.80 9.61 8.94
C CYS A 173 -5.92 10.58 8.77
N ALA A 174 -6.11 11.05 7.52
CA ALA A 174 -7.18 12.00 7.24
C ALA A 174 -8.56 11.45 7.58
N GLY A 175 -8.71 10.14 7.41
CA GLY A 175 -9.97 9.52 7.71
C GLY A 175 -10.21 9.48 9.22
N LEU A 176 -9.24 8.93 9.92
CA LEU A 176 -9.36 8.88 11.35
C LEU A 176 -9.70 10.27 11.90
N VAL A 177 -8.98 11.27 11.45
CA VAL A 177 -9.23 12.61 11.91
C VAL A 177 -10.67 12.96 11.68
N THR A 178 -11.12 12.70 10.50
CA THR A 178 -12.47 13.11 10.19
C THR A 178 -13.48 12.46 11.10
N LEU A 179 -13.29 11.18 11.35
CA LEU A 179 -14.22 10.45 12.18
C LEU A 179 -14.23 10.96 13.60
N THR A 180 -13.06 11.30 14.07
CA THR A 180 -12.96 11.80 15.40
C THR A 180 -13.68 13.11 15.48
N VAL A 181 -13.33 14.03 14.61
CA VAL A 181 -14.03 15.32 14.62
C VAL A 181 -15.54 15.10 14.71
N LEU A 182 -16.07 14.24 13.82
CA LEU A 182 -17.47 13.90 13.71
C LEU A 182 -17.97 13.22 14.96
N GLY A 183 -17.04 12.67 15.71
CA GLY A 183 -17.46 12.04 16.93
C GLY A 183 -18.35 10.84 16.72
N ARG A 184 -18.07 10.08 15.66
CA ARG A 184 -18.76 8.84 15.33
C ARG A 184 -17.79 7.70 15.54
N ASN A 185 -18.27 6.46 15.46
CA ASN A 185 -17.39 5.33 15.67
C ASN A 185 -17.37 4.37 14.51
N LEU A 186 -16.20 3.72 14.34
CA LEU A 186 -15.96 2.70 13.32
C LEU A 186 -14.88 1.81 13.87
N SER A 187 -14.87 0.53 13.44
CA SER A 187 -13.87 -0.41 13.89
C SER A 187 -12.59 -0.16 13.12
N LYS A 188 -11.46 -0.73 13.54
CA LYS A 188 -10.28 -0.49 12.72
C LYS A 188 -10.49 -1.08 11.31
N VAL A 189 -11.09 -2.27 11.26
CA VAL A 189 -11.39 -2.98 10.03
C VAL A 189 -12.12 -2.05 9.09
N GLU A 190 -13.26 -1.59 9.59
CA GLU A 190 -14.10 -0.72 8.82
C GLU A 190 -13.33 0.43 8.26
N LEU A 191 -12.51 1.06 9.11
CA LEU A 191 -11.71 2.18 8.69
C LEU A 191 -10.82 1.79 7.53
N ALA A 192 -10.20 0.64 7.66
CA ALA A 192 -9.31 0.16 6.63
C ALA A 192 -10.05 -0.06 5.34
N GLU A 193 -11.27 -0.59 5.49
CA GLU A 193 -12.10 -0.93 4.37
C GLU A 193 -12.55 0.30 3.61
N ILE A 194 -12.87 1.32 4.38
CA ILE A 194 -13.33 2.53 3.82
C ILE A 194 -12.22 3.31 3.16
N CYS A 195 -11.05 3.30 3.80
CA CYS A 195 -9.96 4.07 3.26
C CYS A 195 -9.33 3.40 2.05
N ALA A 196 -9.63 2.12 1.90
CA ALA A 196 -9.11 1.38 0.75
C ALA A 196 -9.92 1.82 -0.46
N LYS A 197 -11.23 1.91 -0.27
CA LYS A 197 -12.05 2.39 -1.34
C LYS A 197 -11.85 3.88 -1.58
N SER A 198 -11.90 4.69 -0.55
CA SER A 198 -11.74 6.11 -0.79
C SER A 198 -10.42 6.55 -1.46
N GLU A 199 -9.32 5.82 -1.23
CA GLU A 199 -8.05 6.21 -1.82
C GLU A 199 -8.14 6.18 -3.33
N ARG A 200 -8.92 5.25 -3.82
CA ARG A 200 -9.07 5.21 -5.26
C ARG A 200 -9.56 6.53 -5.85
N TYR A 201 -10.15 7.36 -5.04
CA TYR A 201 -10.64 8.64 -5.58
C TYR A 201 -9.51 9.39 -6.23
N ILE A 202 -8.31 9.02 -5.85
CA ILE A 202 -7.10 9.64 -6.38
C ILE A 202 -6.86 9.22 -7.83
N GLY A 203 -7.41 8.06 -8.19
CA GLY A 203 -7.26 7.54 -9.54
C GLY A 203 -6.64 6.16 -9.59
N THR A 204 -6.04 5.75 -8.50
CA THR A 204 -5.41 4.45 -8.40
C THR A 204 -6.43 3.36 -8.08
N GLU A 205 -6.25 2.21 -8.73
CA GLU A 205 -7.10 1.05 -8.57
C GLU A 205 -6.40 -0.02 -7.73
N GLY A 206 -5.75 0.41 -6.67
CA GLY A 206 -5.00 -0.49 -5.79
C GLY A 206 -5.86 -1.39 -4.90
N GLY A 207 -5.19 -2.22 -4.10
CA GLY A 207 -5.90 -3.11 -3.22
C GLY A 207 -6.06 -2.46 -1.84
N GLY A 208 -6.03 -3.30 -0.81
CA GLY A 208 -6.20 -2.76 0.52
C GLY A 208 -5.05 -3.07 1.44
N MET A 209 -3.92 -3.48 0.93
CA MET A 209 -2.94 -3.77 1.92
C MET A 209 -2.49 -2.57 2.76
N ASP A 210 -2.16 -1.50 2.10
CA ASP A 210 -1.62 -0.37 2.78
C ASP A 210 -2.42 0.25 3.96
N GLN A 211 -3.71 0.37 3.79
CA GLN A 211 -4.61 0.98 4.74
C GLN A 211 -4.93 0.04 5.87
N SER A 212 -4.98 -1.21 5.52
CA SER A 212 -5.27 -2.24 6.45
C SER A 212 -4.15 -2.35 7.43
N ILE A 213 -2.91 -2.37 6.93
CA ILE A 213 -1.78 -2.48 7.81
C ILE A 213 -1.62 -1.24 8.70
N SER A 214 -1.91 -0.12 8.11
CA SER A 214 -1.83 1.13 8.83
C SER A 214 -2.76 1.11 10.04
N PHE A 215 -4.02 0.65 9.84
CA PHE A 215 -5.00 0.60 10.92
C PHE A 215 -4.90 -0.64 11.77
N LEU A 216 -4.41 -1.70 11.18
CA LEU A 216 -4.35 -2.94 11.91
C LEU A 216 -2.97 -3.26 12.50
N ALA A 217 -1.95 -2.52 12.14
CA ALA A 217 -0.67 -2.89 12.72
C ALA A 217 -0.67 -2.98 14.24
N GLU A 218 0.24 -3.82 14.75
CA GLU A 218 0.45 -4.07 16.13
C GLU A 218 1.94 -4.21 16.37
N GLU A 219 2.44 -3.42 17.26
CA GLU A 219 3.83 -3.36 17.55
C GLU A 219 4.54 -4.70 17.81
N GLY A 220 5.77 -4.81 17.32
CA GLY A 220 6.55 -6.02 17.53
C GLY A 220 6.18 -7.24 16.70
N THR A 221 5.07 -7.20 15.93
CA THR A 221 4.62 -8.28 15.07
C THR A 221 4.35 -7.83 13.63
N ALA A 222 4.33 -8.79 12.70
CA ALA A 222 4.00 -8.56 11.29
C ALA A 222 2.62 -9.14 11.03
N LYS A 223 1.99 -8.81 9.91
CA LYS A 223 0.66 -9.36 9.74
C LYS A 223 0.35 -9.94 8.38
N LEU A 224 -0.46 -10.96 8.44
CA LEU A 224 -0.88 -11.55 7.23
C LEU A 224 -2.25 -10.98 7.08
N ILE A 225 -2.34 -10.09 6.10
CA ILE A 225 -3.62 -9.48 5.90
C ILE A 225 -4.34 -10.25 4.82
N GLU A 226 -5.57 -10.59 5.11
CA GLU A 226 -6.41 -11.30 4.16
C GLU A 226 -7.46 -10.32 3.74
N PHE A 227 -8.14 -10.65 2.66
CA PHE A 227 -9.21 -9.82 2.19
C PHE A 227 -10.48 -10.65 2.02
N SER A 228 -11.62 -9.96 1.97
CA SER A 228 -12.92 -10.62 1.82
C SER A 228 -12.98 -12.01 2.44
N PRO A 229 -12.89 -12.07 3.78
CA PRO A 229 -12.89 -10.91 4.65
C PRO A 229 -11.60 -10.30 5.13
N LEU A 230 -11.69 -9.00 5.32
CA LEU A 230 -10.53 -8.34 5.81
C LEU A 230 -10.21 -8.99 7.14
N ARG A 231 -8.99 -9.47 7.24
CA ARG A 231 -8.49 -10.15 8.42
C ARG A 231 -7.01 -9.89 8.46
N ALA A 232 -6.43 -9.89 9.69
CA ALA A 232 -5.00 -9.72 9.93
C ALA A 232 -4.51 -10.81 10.90
N THR A 233 -3.32 -11.36 10.67
CA THR A 233 -2.84 -12.41 11.53
C THR A 233 -1.40 -12.17 11.82
N ASP A 234 -1.06 -12.23 13.10
CA ASP A 234 0.30 -12.01 13.54
C ASP A 234 1.23 -12.95 12.85
N VAL A 235 2.40 -12.44 12.62
CA VAL A 235 3.38 -13.26 12.02
C VAL A 235 4.71 -12.92 12.65
N LYS A 236 5.20 -13.89 13.39
CA LYS A 236 6.44 -13.71 14.05
C LYS A 236 7.59 -13.85 13.09
N LEU A 237 8.36 -12.78 12.98
CA LEU A 237 9.54 -12.73 12.13
C LEU A 237 10.69 -13.61 12.68
N PRO A 238 11.67 -13.90 11.82
CA PRO A 238 12.82 -14.68 12.20
C PRO A 238 13.66 -13.85 13.09
N SER A 239 14.18 -14.63 14.00
CA SER A 239 15.04 -14.33 15.10
C SER A 239 16.37 -13.67 14.79
N GLY A 240 17.03 -13.97 13.68
CA GLY A 240 18.34 -13.33 13.59
C GLY A 240 18.61 -12.35 12.47
N ALA A 241 17.58 -11.88 11.81
CA ALA A 241 17.83 -10.95 10.75
C ALA A 241 17.09 -9.66 10.95
N VAL A 242 17.77 -8.66 10.44
CA VAL A 242 17.28 -7.33 10.46
C VAL A 242 16.68 -7.04 9.09
N PHE A 243 15.54 -6.37 9.14
CA PHE A 243 14.85 -5.92 7.95
C PHE A 243 15.38 -4.55 7.77
N VAL A 244 15.89 -4.34 6.59
CA VAL A 244 16.49 -3.08 6.27
C VAL A 244 15.95 -2.41 5.02
N ILE A 245 15.44 -1.23 5.21
CA ILE A 245 14.89 -0.48 4.09
C ILE A 245 15.94 0.31 3.40
N ALA A 246 15.97 0.14 2.11
CA ALA A 246 16.92 0.82 1.31
C ALA A 246 16.22 1.45 0.15
N ASN A 247 16.34 2.74 0.13
CA ASN A 247 15.71 3.54 -0.88
C ASN A 247 16.53 3.70 -2.11
N SER A 248 15.98 3.21 -3.20
CA SER A 248 16.65 3.34 -4.48
C SER A 248 16.90 4.80 -4.84
N CYS A 249 16.08 5.66 -4.28
CA CYS A 249 16.19 7.07 -4.59
C CYS A 249 15.55 7.45 -5.90
N VAL A 250 14.75 6.51 -6.38
CA VAL A 250 14.00 6.79 -7.58
C VAL A 250 12.59 6.97 -7.17
N GLU A 251 12.12 8.18 -7.38
CA GLU A 251 10.78 8.52 -6.99
C GLU A 251 9.70 7.98 -7.92
N MET A 252 8.73 7.27 -7.36
CA MET A 252 7.59 6.81 -8.15
C MET A 252 6.22 7.34 -7.65
N ASN A 253 5.62 8.26 -8.38
CA ASN A 253 4.30 8.69 -7.92
C ASN A 253 3.22 7.96 -8.71
N LYS A 254 2.63 6.93 -8.02
CA LYS A 254 1.60 5.98 -8.47
C LYS A 254 0.41 6.69 -9.18
N ALA A 255 -0.07 7.77 -8.54
CA ALA A 255 -1.17 8.60 -9.03
C ALA A 255 -0.82 9.42 -10.28
N ALA A 256 0.48 9.73 -10.42
CA ALA A 256 1.04 10.49 -11.54
C ALA A 256 1.27 9.64 -12.79
N THR A 257 1.33 8.30 -12.62
CA THR A 257 1.63 7.29 -13.66
C THR A 257 0.85 5.94 -13.64
N SER A 258 0.29 5.68 -14.84
CA SER A 258 -0.53 4.56 -15.33
C SER A 258 0.02 3.15 -15.13
N HIS A 259 1.32 3.02 -15.06
CA HIS A 259 1.88 1.68 -14.85
C HIS A 259 1.03 0.81 -13.94
N PHE A 260 0.73 1.35 -12.78
CA PHE A 260 -0.06 0.62 -11.81
C PHE A 260 -1.38 0.12 -12.33
N ASN A 261 -2.16 1.05 -12.88
CA ASN A 261 -3.48 0.69 -13.33
C ASN A 261 -3.47 -0.24 -14.48
N ILE A 262 -2.36 -0.19 -15.20
CA ILE A 262 -2.18 -1.06 -16.35
C ILE A 262 -2.17 -2.48 -15.89
N ARG A 263 -1.34 -2.72 -14.86
CA ARG A 263 -1.20 -4.00 -14.23
C ARG A 263 -2.54 -4.40 -13.65
N VAL A 264 -3.26 -3.46 -13.00
CA VAL A 264 -4.58 -3.82 -12.45
C VAL A 264 -5.52 -4.41 -13.52
N MET A 265 -5.58 -3.73 -14.67
CA MET A 265 -6.37 -4.11 -15.83
C MET A 265 -5.93 -5.46 -16.33
N GLU A 266 -4.63 -5.51 -16.58
CA GLU A 266 -4.02 -6.71 -17.09
C GLU A 266 -4.47 -7.95 -16.37
N CYS A 267 -4.52 -7.90 -15.05
CA CYS A 267 -4.90 -9.09 -14.28
C CYS A 267 -6.40 -9.35 -14.41
N ARG A 268 -7.13 -8.23 -14.35
CA ARG A 268 -8.55 -8.32 -14.43
C ARG A 268 -8.96 -9.00 -15.69
N LEU A 269 -8.21 -8.67 -16.74
CA LEU A 269 -8.47 -9.24 -18.04
C LEU A 269 -8.13 -10.72 -18.07
N ALA A 270 -7.00 -10.99 -17.48
CA ALA A 270 -6.50 -12.32 -17.38
C ALA A 270 -7.49 -13.20 -16.64
N ALA A 271 -7.98 -12.69 -15.52
CA ALA A 271 -8.95 -13.45 -14.77
C ALA A 271 -10.20 -13.79 -15.61
N LYS A 272 -10.74 -12.78 -16.33
CA LYS A 272 -11.91 -12.98 -17.17
C LYS A 272 -11.69 -14.08 -18.21
N LEU A 273 -10.57 -13.97 -18.85
CA LEU A 273 -10.20 -14.94 -19.83
C LEU A 273 -9.98 -16.28 -19.17
N LEU A 274 -9.47 -16.27 -17.95
CA LEU A 274 -9.27 -17.54 -17.29
C LEU A 274 -10.60 -18.19 -17.00
N ALA A 275 -11.52 -17.40 -16.51
CA ALA A 275 -12.81 -17.93 -16.21
C ALA A 275 -13.43 -18.49 -17.51
N LYS A 276 -13.50 -17.65 -18.54
CA LYS A 276 -14.02 -18.06 -19.86
C LYS A 276 -13.56 -19.46 -20.16
N TYR A 277 -12.26 -19.54 -20.32
CA TYR A 277 -11.60 -20.80 -20.59
C TYR A 277 -12.16 -21.91 -19.71
N LYS A 278 -12.00 -21.76 -18.40
CA LYS A 278 -12.46 -22.81 -17.50
C LYS A 278 -13.98 -22.89 -17.43
N SER A 279 -14.59 -22.19 -18.35
CA SER A 279 -16.03 -22.17 -18.49
C SER A 279 -16.83 -21.68 -17.28
N LEU A 280 -16.39 -20.61 -16.67
CA LEU A 280 -17.15 -20.09 -15.56
C LEU A 280 -17.87 -18.83 -16.02
N GLN A 281 -18.42 -18.09 -15.07
CA GLN A 281 -19.15 -16.86 -15.34
C GLN A 281 -18.20 -15.64 -15.30
N TRP A 282 -17.43 -15.43 -16.37
CA TRP A 282 -16.43 -14.35 -16.42
C TRP A 282 -16.97 -12.94 -16.26
N ASP A 283 -18.15 -12.77 -16.80
CA ASP A 283 -18.79 -11.47 -16.76
C ASP A 283 -18.75 -10.89 -15.37
N LYS A 284 -18.92 -11.76 -14.39
CA LYS A 284 -18.91 -11.32 -13.00
C LYS A 284 -17.51 -11.24 -12.43
N VAL A 285 -16.60 -12.06 -12.95
CA VAL A 285 -15.23 -12.11 -12.50
C VAL A 285 -14.51 -10.76 -12.61
N LEU A 286 -13.83 -10.42 -11.53
CA LEU A 286 -13.07 -9.20 -11.44
C LEU A 286 -11.64 -9.43 -11.03
N ARG A 287 -11.42 -10.44 -10.21
CA ARG A 287 -10.10 -10.69 -9.70
C ARG A 287 -9.65 -12.11 -9.95
N LEU A 288 -8.34 -12.24 -10.01
CA LEU A 288 -7.62 -13.46 -10.26
C LEU A 288 -7.92 -14.62 -9.27
N GLU A 289 -7.98 -14.29 -8.00
CA GLU A 289 -8.21 -15.27 -6.94
C GLU A 289 -9.59 -15.88 -7.06
N GLU A 290 -10.52 -15.06 -7.56
CA GLU A 290 -11.89 -15.48 -7.76
C GLU A 290 -11.91 -16.75 -8.57
N VAL A 291 -11.01 -16.79 -9.56
CA VAL A 291 -10.90 -17.92 -10.47
C VAL A 291 -10.38 -19.15 -9.73
N GLN A 292 -9.38 -18.88 -8.93
CA GLN A 292 -8.87 -19.97 -8.22
C GLN A 292 -9.91 -20.52 -7.28
N ALA A 293 -10.73 -19.62 -6.79
CA ALA A 293 -11.78 -19.94 -5.86
C ALA A 293 -12.83 -20.83 -6.50
N LYS A 294 -13.34 -20.31 -7.60
CA LYS A 294 -14.38 -20.95 -8.39
C LYS A 294 -14.05 -22.35 -8.80
N LEU A 295 -12.77 -22.59 -9.04
CA LEU A 295 -12.27 -23.87 -9.49
C LEU A 295 -11.96 -24.83 -8.37
N GLY A 296 -11.88 -24.30 -7.16
CA GLY A 296 -11.58 -25.15 -6.03
C GLY A 296 -10.21 -25.80 -6.13
N ILE A 297 -9.34 -25.22 -6.94
CA ILE A 297 -8.02 -25.76 -7.08
C ILE A 297 -7.01 -24.98 -6.27
N SER A 298 -5.81 -25.52 -6.26
CA SER A 298 -4.73 -24.92 -5.53
C SER A 298 -3.94 -23.97 -6.40
N LEU A 299 -3.06 -23.20 -5.75
CA LEU A 299 -2.22 -22.22 -6.45
C LEU A 299 -1.35 -22.81 -7.54
N GLU A 300 -0.72 -23.90 -7.18
CA GLU A 300 0.11 -24.62 -8.10
C GLU A 300 -0.73 -25.04 -9.34
N GLU A 301 -1.89 -25.66 -9.11
CA GLU A 301 -2.79 -26.06 -10.17
C GLU A 301 -3.21 -24.89 -11.01
N MET A 302 -3.43 -23.78 -10.33
CA MET A 302 -3.84 -22.56 -10.99
C MET A 302 -2.76 -22.08 -11.95
N LEU A 303 -1.53 -22.41 -11.62
CA LEU A 303 -0.45 -22.03 -12.50
C LEU A 303 -0.47 -22.79 -13.83
N LEU A 304 -0.90 -24.04 -13.76
CA LEU A 304 -1.00 -24.93 -14.90
C LEU A 304 -2.16 -24.51 -15.74
N VAL A 305 -3.22 -24.08 -15.06
CA VAL A 305 -4.38 -23.61 -15.79
C VAL A 305 -3.94 -22.46 -16.68
N THR A 306 -3.40 -21.45 -16.00
CA THR A 306 -2.90 -20.26 -16.65
C THR A 306 -2.03 -20.65 -17.84
N GLU A 307 -1.10 -21.54 -17.57
CA GLU A 307 -0.22 -22.03 -18.59
C GLU A 307 -1.02 -22.61 -19.75
N ASP A 308 -2.21 -23.11 -19.48
CA ASP A 308 -2.93 -23.66 -20.58
C ASP A 308 -3.79 -22.61 -21.20
N ALA A 309 -4.43 -21.83 -20.32
CA ALA A 309 -5.38 -20.86 -20.82
C ALA A 309 -4.83 -19.68 -21.57
N LEU A 310 -3.68 -19.19 -21.13
CA LEU A 310 -3.20 -17.97 -21.72
C LEU A 310 -1.95 -18.11 -22.50
N HIS A 311 -1.95 -17.52 -23.72
CA HIS A 311 -0.75 -17.51 -24.52
C HIS A 311 0.19 -16.38 -24.03
N PRO A 312 1.52 -16.66 -23.99
CA PRO A 312 2.65 -15.78 -23.62
C PRO A 312 2.65 -14.50 -24.41
N GLU A 313 2.68 -14.70 -25.71
CA GLU A 313 2.69 -13.57 -26.52
C GLU A 313 1.51 -12.75 -26.03
N PRO A 314 1.68 -11.45 -26.11
CA PRO A 314 0.70 -10.50 -25.65
C PRO A 314 -0.62 -10.54 -26.35
N TYR A 315 -1.65 -10.18 -25.58
CA TYR A 315 -3.00 -10.12 -26.07
C TYR A 315 -3.31 -8.74 -26.56
N ASN A 316 -4.17 -8.69 -27.52
CA ASN A 316 -4.59 -7.39 -28.00
C ASN A 316 -6.07 -7.17 -27.81
N PRO A 317 -6.38 -5.90 -27.88
CA PRO A 317 -7.74 -5.45 -27.72
C PRO A 317 -8.74 -6.16 -28.61
N GLU A 318 -8.43 -6.38 -29.88
CA GLU A 318 -9.42 -7.07 -30.68
C GLU A 318 -9.57 -8.53 -30.27
N GLU A 319 -8.41 -9.15 -30.16
CA GLU A 319 -8.32 -10.54 -29.76
C GLU A 319 -9.02 -10.74 -28.44
N ILE A 320 -8.79 -9.81 -27.56
CA ILE A 320 -9.45 -9.93 -26.29
C ILE A 320 -10.95 -10.02 -26.47
N CYS A 321 -11.48 -9.03 -27.20
CA CYS A 321 -12.89 -8.85 -27.47
C CYS A 321 -13.47 -10.10 -28.01
N ARG A 322 -12.65 -10.62 -28.89
CA ARG A 322 -12.95 -11.82 -29.57
C ARG A 322 -13.24 -12.93 -28.59
N CYS A 323 -12.22 -13.24 -27.82
CA CYS A 323 -12.23 -14.26 -26.81
C CYS A 323 -13.42 -14.22 -25.88
N LEU A 324 -13.82 -12.99 -25.53
CA LEU A 324 -14.88 -12.81 -24.58
C LEU A 324 -16.23 -12.65 -25.22
N GLY A 325 -16.27 -12.48 -26.51
CA GLY A 325 -17.58 -12.30 -27.11
C GLY A 325 -18.10 -10.94 -26.64
N ILE A 326 -17.37 -9.93 -27.06
CA ILE A 326 -17.64 -8.56 -26.69
C ILE A 326 -17.34 -7.68 -27.89
N SER A 327 -17.50 -6.40 -27.63
CA SER A 327 -17.24 -5.32 -28.54
C SER A 327 -16.18 -4.44 -27.91
N LEU A 328 -15.33 -3.98 -28.81
CA LEU A 328 -14.24 -3.14 -28.41
C LEU A 328 -14.78 -2.02 -27.54
N GLU A 329 -15.98 -1.61 -27.91
CA GLU A 329 -16.65 -0.55 -27.17
C GLU A 329 -16.95 -0.99 -25.71
N GLU A 330 -17.36 -2.23 -25.54
CA GLU A 330 -17.66 -2.77 -24.21
C GLU A 330 -16.39 -2.90 -23.38
N LEU A 331 -15.33 -3.21 -24.11
CA LEU A 331 -14.04 -3.34 -23.51
C LEU A 331 -13.76 -2.01 -22.87
N ARG A 332 -13.56 -1.10 -23.78
CA ARG A 332 -13.32 0.28 -23.53
C ARG A 332 -14.22 0.69 -22.39
N THR A 333 -15.51 0.64 -22.70
CA THR A 333 -16.62 1.06 -21.85
C THR A 333 -16.85 0.33 -20.56
N GLN A 334 -17.27 -0.88 -20.73
CA GLN A 334 -17.62 -1.58 -19.57
C GLN A 334 -16.45 -2.19 -18.84
N ILE A 335 -15.27 -2.18 -19.45
CA ILE A 335 -14.20 -2.83 -18.69
C ILE A 335 -12.99 -2.00 -18.37
N LEU A 336 -12.54 -1.29 -19.37
CA LEU A 336 -11.33 -0.54 -19.21
C LEU A 336 -11.40 0.63 -18.32
N SER A 337 -10.19 1.10 -18.01
CA SER A 337 -9.98 2.24 -17.18
C SER A 337 -9.73 3.43 -18.06
N PRO A 338 -9.92 4.59 -17.49
CA PRO A 338 -9.68 5.78 -18.25
C PRO A 338 -8.25 5.77 -18.80
N ASN A 339 -7.28 5.68 -17.89
CA ASN A 339 -5.86 5.69 -18.22
C ASN A 339 -5.31 4.40 -18.85
N THR A 340 -6.19 3.52 -19.35
CA THR A 340 -5.74 2.29 -19.98
C THR A 340 -6.40 2.08 -21.31
N GLN A 341 -7.35 2.95 -21.63
CA GLN A 341 -8.07 2.82 -22.89
C GLN A 341 -7.31 2.53 -24.20
N ASP A 342 -6.19 3.22 -24.41
CA ASP A 342 -5.42 3.10 -25.61
C ASP A 342 -4.29 2.09 -25.51
N VAL A 343 -4.47 1.11 -24.63
CA VAL A 343 -3.42 0.14 -24.51
C VAL A 343 -3.57 -0.88 -25.58
N LEU A 344 -2.49 -1.18 -26.24
CA LEU A 344 -2.54 -2.11 -27.33
C LEU A 344 -2.17 -3.49 -26.86
N ILE A 345 -1.23 -3.47 -25.94
CA ILE A 345 -0.64 -4.65 -25.42
C ILE A 345 -1.00 -5.01 -24.00
N PHE A 346 -1.57 -6.20 -23.86
CA PHE A 346 -1.92 -6.78 -22.56
C PHE A 346 -1.14 -8.09 -22.28
N LYS A 347 -0.37 -8.09 -21.20
CA LYS A 347 0.41 -9.28 -20.81
C LYS A 347 -0.27 -10.14 -19.76
N LEU A 348 -1.38 -10.74 -20.16
CA LEU A 348 -2.17 -11.60 -19.28
C LEU A 348 -1.39 -12.77 -18.77
N TYR A 349 -0.74 -13.50 -19.66
CA TYR A 349 0.00 -14.63 -19.16
C TYR A 349 0.99 -14.24 -18.09
N GLN A 350 1.82 -13.25 -18.34
CA GLN A 350 2.85 -12.97 -17.36
C GLN A 350 2.33 -12.42 -16.01
N ARG A 351 1.32 -11.60 -16.10
CA ARG A 351 0.83 -11.05 -14.87
C ARG A 351 0.23 -12.12 -13.98
N ALA A 352 -0.45 -13.07 -14.63
CA ALA A 352 -1.08 -14.12 -13.85
C ALA A 352 -0.07 -15.05 -13.22
N LYS A 353 0.95 -15.37 -13.99
CA LYS A 353 2.02 -16.23 -13.59
C LYS A 353 2.61 -15.56 -12.38
N HIS A 354 2.70 -14.24 -12.47
CA HIS A 354 3.26 -13.54 -11.33
C HIS A 354 2.37 -13.65 -10.10
N VAL A 355 1.13 -13.26 -10.30
CA VAL A 355 0.18 -13.23 -9.24
C VAL A 355 0.09 -14.55 -8.51
N TYR A 356 -0.22 -15.58 -9.27
CA TYR A 356 -0.41 -16.88 -8.68
C TYR A 356 0.80 -17.40 -7.90
N SER A 357 1.99 -17.22 -8.45
CA SER A 357 3.14 -17.70 -7.72
C SER A 357 3.31 -16.89 -6.45
N GLU A 358 3.18 -15.59 -6.65
CA GLU A 358 3.36 -14.68 -5.55
C GLU A 358 2.51 -14.98 -4.34
N ALA A 359 1.24 -15.29 -4.55
CA ALA A 359 0.41 -15.65 -3.43
C ALA A 359 0.96 -16.85 -2.70
N ALA A 360 1.41 -17.81 -3.51
CA ALA A 360 1.98 -19.03 -3.01
C ALA A 360 3.17 -18.74 -2.13
N ARG A 361 4.07 -17.85 -2.58
CA ARG A 361 5.22 -17.55 -1.73
C ARG A 361 4.79 -17.04 -0.35
N VAL A 362 3.87 -16.09 -0.37
CA VAL A 362 3.35 -15.50 0.84
C VAL A 362 2.89 -16.57 1.80
N LEU A 363 1.94 -17.39 1.36
CA LEU A 363 1.42 -18.43 2.23
C LEU A 363 2.56 -19.25 2.80
N GLN A 364 3.56 -19.50 1.93
CA GLN A 364 4.76 -20.25 2.29
C GLN A 364 5.54 -19.55 3.42
N PHE A 365 6.08 -18.39 3.07
CA PHE A 365 6.90 -17.57 3.95
C PHE A 365 6.43 -17.65 5.37
N LYS A 366 5.13 -17.52 5.48
CA LYS A 366 4.45 -17.55 6.73
C LYS A 366 4.69 -18.89 7.35
N LYS A 367 3.94 -19.85 6.85
CA LYS A 367 4.04 -21.24 7.27
C LYS A 367 5.42 -21.48 7.83
N ILE A 368 6.45 -21.16 7.04
CA ILE A 368 7.83 -21.32 7.50
C ILE A 368 7.96 -20.64 8.86
N CYS A 369 7.74 -19.32 8.83
CA CYS A 369 7.75 -18.49 10.05
C CYS A 369 7.03 -19.21 11.20
N GLU A 370 6.00 -19.98 10.91
CA GLU A 370 5.30 -20.68 11.98
C GLU A 370 6.04 -21.96 12.44
N GLU A 371 6.98 -22.46 11.63
CA GLU A 371 7.71 -23.70 11.92
C GLU A 371 9.04 -23.52 12.64
N ALA A 372 9.78 -22.59 12.14
CA ALA A 372 11.09 -22.27 12.65
C ALA A 372 12.08 -23.41 12.47
N PRO A 373 12.42 -23.64 11.19
CA PRO A 373 13.37 -24.62 10.72
C PRO A 373 14.80 -24.14 10.97
N GLU A 374 15.73 -25.07 11.06
CA GLU A 374 17.12 -24.73 11.31
C GLU A 374 17.71 -23.89 10.18
N ASN A 375 17.02 -23.77 9.03
CA ASN A 375 17.54 -22.97 7.91
C ASN A 375 16.61 -21.87 7.43
N MET A 376 15.83 -21.42 8.39
CA MET A 376 14.80 -20.41 8.27
C MET A 376 15.08 -19.25 7.36
N VAL A 377 16.11 -18.54 7.69
CA VAL A 377 16.46 -17.37 6.95
C VAL A 377 16.75 -17.70 5.52
N GLN A 378 17.73 -18.55 5.39
CA GLN A 378 18.12 -18.99 4.11
C GLN A 378 16.88 -19.22 3.27
N LEU A 379 16.00 -20.04 3.80
CA LEU A 379 14.76 -20.29 3.11
C LEU A 379 14.13 -18.99 2.69
N LEU A 380 13.45 -18.36 3.69
CA LEU A 380 12.76 -17.06 3.57
C LEU A 380 13.48 -16.13 2.66
N GLY A 381 14.79 -16.10 2.84
CA GLY A 381 15.60 -15.27 1.99
C GLY A 381 15.20 -15.55 0.57
N GLU A 382 15.28 -16.84 0.18
CA GLU A 382 14.96 -17.34 -1.16
C GLU A 382 13.64 -16.81 -1.63
N LEU A 383 12.60 -17.17 -0.86
CA LEU A 383 11.26 -16.76 -1.14
C LEU A 383 11.24 -15.31 -1.56
N MET A 384 12.05 -14.54 -0.81
CA MET A 384 12.15 -13.14 -1.08
C MET A 384 12.81 -12.82 -2.40
N ASN A 385 13.91 -13.52 -2.76
CA ASN A 385 14.62 -13.23 -4.00
C ASN A 385 13.75 -13.51 -5.19
N GLN A 386 12.98 -14.58 -5.00
CA GLN A 386 11.97 -15.07 -5.93
C GLN A 386 10.97 -13.98 -6.19
N SER A 387 10.38 -13.41 -5.14
CA SER A 387 9.43 -12.33 -5.34
C SER A 387 10.02 -11.30 -6.26
N HIS A 388 11.24 -10.90 -5.88
CA HIS A 388 11.90 -9.88 -6.66
C HIS A 388 11.99 -10.16 -8.13
N MET A 389 12.51 -11.35 -8.45
CA MET A 389 12.72 -11.70 -9.88
C MET A 389 11.44 -11.76 -10.64
N SER A 390 10.46 -12.26 -9.92
CA SER A 390 9.17 -12.38 -10.49
C SER A 390 8.64 -11.01 -10.85
N CYS A 391 8.62 -10.14 -9.84
CA CYS A 391 8.19 -8.75 -10.03
C CYS A 391 9.01 -8.11 -11.12
N ARG A 392 10.29 -8.44 -11.03
CA ARG A 392 11.19 -7.90 -12.00
C ARG A 392 10.85 -8.33 -13.41
N ASP A 393 10.96 -9.63 -13.64
CA ASP A 393 10.80 -10.19 -14.97
C ASP A 393 9.39 -10.44 -15.48
N MET A 394 8.53 -11.01 -14.63
CA MET A 394 7.16 -11.33 -15.01
C MET A 394 6.22 -10.14 -14.90
N TYR A 395 6.24 -9.51 -13.70
CA TYR A 395 5.40 -8.35 -13.46
C TYR A 395 5.96 -7.08 -14.05
N GLU A 396 7.29 -7.07 -14.27
CA GLU A 396 7.99 -5.93 -14.86
C GLU A 396 7.69 -4.58 -14.20
N CYS A 397 7.66 -4.61 -12.87
CA CYS A 397 7.39 -3.40 -12.08
C CYS A 397 8.63 -2.96 -11.28
N SER A 398 9.83 -3.44 -11.71
CA SER A 398 11.10 -3.08 -11.06
C SER A 398 11.72 -1.93 -11.84
N CYS A 399 12.96 -1.64 -11.50
CA CYS A 399 13.75 -0.65 -12.19
C CYS A 399 15.24 -0.94 -12.16
N PRO A 400 15.94 -0.34 -13.08
CA PRO A 400 17.35 -0.61 -13.12
C PRO A 400 18.00 -0.31 -11.78
N GLU A 401 17.63 0.84 -11.18
CA GLU A 401 18.14 1.25 -9.91
C GLU A 401 17.81 0.29 -8.81
N LEU A 402 16.56 -0.14 -8.80
CA LEU A 402 16.09 -1.11 -7.83
C LEU A 402 16.87 -2.40 -8.01
N ASP A 403 17.08 -2.71 -9.28
CA ASP A 403 17.80 -3.90 -9.68
C ASP A 403 19.20 -3.99 -9.10
N GLN A 404 19.97 -2.90 -9.22
CA GLN A 404 21.32 -2.84 -8.63
C GLN A 404 21.28 -2.84 -7.13
N LEU A 405 20.41 -1.99 -6.61
CA LEU A 405 20.32 -1.92 -5.17
C LEU A 405 20.09 -3.28 -4.55
N VAL A 406 19.18 -4.01 -5.12
CA VAL A 406 18.89 -5.37 -4.67
C VAL A 406 20.12 -6.30 -4.79
N ASP A 407 20.96 -6.07 -5.82
CA ASP A 407 22.16 -6.90 -5.93
C ASP A 407 23.07 -6.51 -4.78
N ILE A 408 23.63 -5.28 -4.92
CA ILE A 408 24.53 -4.74 -3.90
C ILE A 408 24.12 -5.21 -2.53
N CYS A 409 22.85 -5.14 -2.26
CA CYS A 409 22.42 -5.54 -0.97
C CYS A 409 22.93 -6.91 -0.79
N ARG A 410 22.47 -7.77 -1.68
CA ARG A 410 22.87 -9.16 -1.64
C ARG A 410 24.37 -9.30 -1.48
N LYS A 411 25.06 -8.55 -2.34
CA LYS A 411 26.50 -8.50 -2.35
C LYS A 411 27.09 -8.33 -0.97
N PHE A 412 26.33 -7.74 -0.02
CA PHE A 412 26.86 -7.54 1.32
C PHE A 412 26.28 -8.22 2.52
N GLY A 413 25.55 -9.31 2.40
CA GLY A 413 25.07 -9.86 3.66
C GLY A 413 23.60 -10.18 3.57
N ALA A 414 23.04 -9.54 2.57
CA ALA A 414 21.63 -9.64 2.22
C ALA A 414 21.11 -11.07 2.00
N GLN A 415 20.37 -11.55 2.98
CA GLN A 415 19.84 -12.89 2.87
C GLN A 415 18.59 -12.90 2.02
N GLY A 416 18.03 -11.71 1.93
CA GLY A 416 16.81 -11.48 1.22
C GLY A 416 16.79 -10.03 0.86
N SER A 417 16.51 -9.78 -0.40
CA SER A 417 16.42 -8.45 -0.93
C SER A 417 15.39 -8.51 -2.04
N ARG A 418 14.56 -7.46 -2.13
CA ARG A 418 13.50 -7.33 -3.11
C ARG A 418 12.92 -5.92 -3.06
N LEU A 419 12.30 -5.50 -4.16
CA LEU A 419 11.71 -4.18 -4.14
C LEU A 419 10.54 -4.24 -3.17
N THR A 420 10.05 -3.08 -2.68
CA THR A 420 8.89 -3.10 -1.78
C THR A 420 7.84 -2.10 -2.27
N GLY A 421 6.56 -2.37 -1.99
CA GLY A 421 5.51 -1.47 -2.52
C GLY A 421 5.28 -1.66 -4.02
N ALA A 422 4.80 -0.62 -4.71
CA ALA A 422 4.51 -0.69 -6.13
C ALA A 422 5.66 -1.03 -7.06
N GLY A 423 6.81 -0.45 -6.83
CA GLY A 423 7.94 -0.71 -7.66
C GLY A 423 8.17 0.49 -8.49
N TRP A 424 8.93 0.29 -9.56
CA TRP A 424 9.24 1.33 -10.51
C TRP A 424 10.00 2.51 -9.89
N GLY A 425 10.77 2.19 -8.87
CA GLY A 425 11.51 3.17 -8.11
C GLY A 425 11.20 2.84 -6.65
N GLY A 426 11.41 3.74 -5.75
CA GLY A 426 11.04 3.27 -4.43
C GLY A 426 12.14 2.55 -3.67
N CYS A 427 11.68 1.83 -2.67
CA CYS A 427 12.53 1.15 -1.75
C CYS A 427 12.66 -0.30 -2.04
N THR A 428 13.50 -0.92 -1.24
CA THR A 428 13.71 -2.35 -1.27
C THR A 428 13.78 -2.67 0.19
N VAL A 429 13.37 -3.86 0.50
CA VAL A 429 13.43 -4.41 1.83
C VAL A 429 14.48 -5.53 1.79
N SER A 430 15.14 -5.78 2.91
CA SER A 430 16.16 -6.80 2.96
C SER A 430 16.41 -7.34 4.32
N MET A 431 16.48 -8.65 4.36
CA MET A 431 16.80 -9.39 5.56
C MET A 431 18.30 -9.51 5.61
N VAL A 432 18.89 -8.71 6.47
CA VAL A 432 20.30 -8.80 6.65
C VAL A 432 20.37 -9.60 7.95
N PRO A 433 21.32 -10.51 8.08
CA PRO A 433 21.39 -11.26 9.35
C PRO A 433 22.02 -10.33 10.41
N ALA A 434 21.79 -10.54 11.71
CA ALA A 434 22.31 -9.65 12.76
C ALA A 434 23.70 -9.10 12.47
N ASP A 435 24.66 -10.01 12.47
CA ASP A 435 25.99 -9.49 12.34
C ASP A 435 26.48 -8.76 11.12
N LYS A 436 25.82 -8.82 9.96
CA LYS A 436 26.40 -8.12 8.80
C LYS A 436 25.91 -6.67 8.67
N LEU A 437 24.84 -6.46 9.40
CA LEU A 437 24.22 -5.16 9.42
C LEU A 437 25.18 -4.02 9.11
N PRO A 438 26.10 -3.80 10.08
CA PRO A 438 27.04 -2.72 10.01
C PRO A 438 27.79 -2.61 8.69
N SER A 439 28.15 -3.76 8.16
CA SER A 439 28.88 -3.77 6.92
C SER A 439 27.92 -3.43 5.82
N PHE A 440 26.85 -4.20 5.84
CA PHE A 440 25.81 -4.01 4.90
C PHE A 440 25.69 -2.50 4.80
N LEU A 441 25.15 -2.02 5.94
CA LEU A 441 24.91 -0.64 6.19
C LEU A 441 26.03 0.18 5.64
N ALA A 442 27.24 -0.19 6.00
CA ALA A 442 28.33 0.61 5.49
C ALA A 442 28.61 0.45 4.01
N ASN A 443 28.77 -0.80 3.61
CA ASN A 443 29.06 -1.08 2.23
C ASN A 443 28.00 -0.66 1.27
N VAL A 444 26.76 -0.88 1.70
CA VAL A 444 25.67 -0.46 0.88
C VAL A 444 25.69 1.02 0.71
N HIS A 445 25.73 1.64 1.89
CA HIS A 445 25.80 3.05 2.06
C HIS A 445 26.79 3.48 1.09
N LYS A 446 27.89 2.76 1.28
CA LYS A 446 29.12 2.93 0.53
C LYS A 446 28.98 2.81 -0.96
N ALA A 447 28.39 1.70 -1.38
CA ALA A 447 28.27 1.46 -2.82
C ALA A 447 27.20 2.27 -3.51
N TYR A 448 25.98 2.03 -3.05
CA TYR A 448 24.84 2.66 -3.64
C TYR A 448 24.79 4.13 -3.38
N TYR A 449 24.81 4.39 -2.09
CA TYR A 449 24.72 5.71 -1.58
C TYR A 449 25.85 6.64 -1.96
N GLN A 450 27.08 6.34 -1.54
CA GLN A 450 28.25 7.17 -1.88
C GLN A 450 28.32 7.39 -3.39
N LYS A 460 20.16 6.78 7.60
CA LYS A 460 18.90 6.99 8.26
C LYS A 460 17.81 7.42 7.29
N GLN A 461 18.15 8.28 6.35
CA GLN A 461 17.14 8.75 5.43
C GLN A 461 16.83 7.81 4.29
N SER A 462 17.88 7.33 3.66
CA SER A 462 17.62 6.44 2.56
C SER A 462 17.86 4.99 2.94
N LEU A 463 18.71 4.82 3.93
CA LEU A 463 19.03 3.49 4.35
C LEU A 463 18.84 3.34 5.87
N PHE A 464 18.13 2.28 6.30
CA PHE A 464 17.89 2.07 7.72
C PHE A 464 17.10 0.84 8.02
N ALA A 465 17.30 0.31 9.23
CA ALA A 465 16.67 -0.87 9.79
C ALA A 465 15.22 -0.68 10.23
N THR A 466 14.47 -1.76 10.52
CA THR A 466 13.06 -1.63 10.86
C THR A 466 12.50 -2.72 11.74
N LYS A 467 11.47 -2.32 12.44
CA LYS A 467 10.75 -3.20 13.31
C LYS A 467 9.25 -3.00 13.08
N PRO A 468 8.51 -4.04 13.42
CA PRO A 468 7.08 -4.05 13.28
C PRO A 468 6.47 -3.06 14.23
N GLY A 469 6.09 -1.92 13.63
CA GLY A 469 5.50 -0.80 14.32
C GLY A 469 4.03 -1.02 14.57
N GLY A 470 3.45 -0.14 15.39
CA GLY A 470 2.05 -0.19 15.74
C GLY A 470 1.20 0.63 14.75
N GLY A 471 -0.14 0.50 14.84
CA GLY A 471 -1.09 1.17 13.95
C GLY A 471 -1.58 2.59 14.28
N ALA A 472 -2.54 3.00 13.50
CA ALA A 472 -3.13 4.31 13.67
C ALA A 472 -3.70 4.56 15.08
N LEU A 473 -3.57 5.79 15.56
CA LEU A 473 -4.00 6.17 16.91
C LEU A 473 -4.47 7.57 17.05
N VAL A 474 -5.32 7.80 18.06
CA VAL A 474 -5.74 9.17 18.35
C VAL A 474 -4.93 9.61 19.52
N LEU A 475 -4.52 10.90 19.56
CA LEU A 475 -3.71 11.46 20.65
C LEU A 475 -4.42 12.65 21.26
N LEU A 476 -4.64 12.54 22.57
CA LEU A 476 -5.35 13.56 23.29
C LEU A 476 -4.43 14.17 24.30
N GLU A 477 -4.31 15.50 24.22
CA GLU A 477 -3.51 16.19 25.19
C GLU A 477 -4.37 16.18 26.45
N ALA A 478 -3.92 15.42 27.42
CA ALA A 478 -4.68 15.25 28.66
C ALA A 478 -3.86 15.45 29.91
O5 A2G B . 1.21 -1.06 -4.41
C1 A2G B . 0.36 -0.01 -3.94
O1 A2G B . 1.02 0.84 -3.14
C2 A2G B . -1.03 -0.40 -3.34
N2 A2G B . -1.58 0.64 -2.50
C3 A2G B . -1.16 -1.74 -2.68
O3 A2G B . -2.55 -1.96 -2.72
C4 A2G B . -0.33 -2.83 -3.39
O4 A2G B . -0.93 -3.26 -4.59
C5 A2G B . 1.04 -2.30 -3.70
C6 A2G B . 1.81 -3.37 -4.43
O6 A2G B . 1.78 -4.60 -3.70
C7 A2G B . -2.40 1.60 -3.00
O7 A2G B . -2.86 1.53 -4.15
C8 A2G B . -2.84 2.76 -2.13
MN MN C . 0.68 4.78 -2.23
PG ANP D . 3.29 2.83 -2.46
O1G ANP D . 1.94 3.13 -2.99
O2G ANP D . 4.05 1.93 -3.41
O3G ANP D . 3.10 1.90 -1.17
PB ANP D . 3.87 5.81 -1.73
O1B ANP D . 2.55 5.79 -1.01
O2B ANP D . 4.95 6.32 -0.80
N3B ANP D . 4.14 4.25 -2.20
PA ANP D . 2.35 7.43 -3.50
O1A ANP D . 2.55 7.55 -4.94
O2A ANP D . 1.23 6.46 -3.24
O3A ANP D . 3.72 6.91 -2.85
O5' ANP D . 1.90 8.85 -3.01
C5' ANP D . 2.90 9.82 -2.78
C4' ANP D . 2.16 11.11 -2.49
O4' ANP D . 1.55 11.16 -1.16
C3' ANP D . 3.00 12.34 -2.61
O3' ANP D . 3.10 12.63 -4.02
C2' ANP D . 2.18 13.32 -1.79
O2' ANP D . 1.18 13.91 -2.62
C1' ANP D . 1.50 12.47 -0.71
N9 ANP D . 2.22 12.60 0.54
C8 ANP D . 3.11 11.74 1.13
N7 ANP D . 3.65 12.22 2.25
C5 ANP D . 3.05 13.46 2.39
C6 ANP D . 3.19 14.44 3.39
N6 ANP D . 3.90 14.45 4.41
N1 ANP D . 2.37 15.47 3.16
C2 ANP D . 1.55 15.64 2.10
N3 ANP D . 1.40 14.75 1.16
C4 ANP D . 2.15 13.69 1.37
#